data_3BOA
#
_entry.id   3BOA
#
_cell.length_a   116.921
_cell.length_b   123.154
_cell.length_c   75.721
_cell.angle_alpha   90.00
_cell.angle_beta   90.00
_cell.angle_gamma   90.00
#
_symmetry.space_group_name_H-M   'C 2 2 21'
#
_entity_poly.entity_id   1
_entity_poly.type   'polypeptide(L)'
_entity_poly.pdbx_seq_one_letter_code
;AGHMQQEAVAPEDSAVVKLATDSFNEYIQSHDLVLAEFFAPWCGHCKNMAPEYVKAAETLVEKNITLAQIDCTENQDLCM
EHNIPGFPSLKIFKNSDVNNSIDYEGPRTAEAIVQFMIKQSQPAVAVVADLPAYLANETFVTPVIVQSGKIDADFNATFY
SMANKHFNDYDFVSAENADDDFKLSIYLPSAMDEPVVYNGKKADIADADVFEKWLQVEALPYFGEIDGSVFAQYVESGLP
LGYLFYNDEEELEEYKPLFTELAKKNRGLMNFVSIDARKFGRHAGNLNMKEQFPLFAIHDMTEDLKYGLPQLSEEAFDEL
SDKIVLESKAIESLVKDFLKGDASPIVKSQEIFENQDSSVFQLVGKNHDEIVNDPKKDVLVLYYAPWCGHCKRLAPTYQE
LADTYANATSDVLIAKLDHTENDVRGVVIEGYPTIVLYPGGKKSESVVYQGSRSLDSLFDFIKENGHFDVDGKALYEEAQ
EKAAEEADADAELADEEDAIHDEL
;
_entity_poly.pdbx_strand_id   A
#
# COMPACT_ATOMS: atom_id res chain seq x y z
N GLN A 6 41.20 -32.22 16.72
CA GLN A 6 39.90 -31.51 16.60
C GLN A 6 39.85 -30.44 15.50
N GLU A 7 40.99 -30.17 14.87
CA GLU A 7 41.17 -29.13 13.83
C GLU A 7 40.41 -27.80 14.11
N ALA A 8 39.66 -27.29 13.12
CA ALA A 8 39.09 -25.92 13.17
C ALA A 8 37.57 -25.88 13.33
N VAL A 9 36.98 -27.02 13.69
CA VAL A 9 35.54 -27.10 13.94
C VAL A 9 35.15 -26.40 15.24
N ALA A 10 34.04 -25.69 15.21
CA ALA A 10 33.32 -25.34 16.43
C ALA A 10 32.40 -26.52 16.69
N PRO A 11 32.80 -27.44 17.58
CA PRO A 11 32.09 -28.72 17.63
C PRO A 11 30.68 -28.63 18.16
N GLU A 12 30.00 -29.77 18.20
CA GLU A 12 28.63 -29.85 18.68
C GLU A 12 28.49 -29.30 20.11
N ASP A 13 29.53 -29.45 20.92
CA ASP A 13 29.55 -28.96 22.31
C ASP A 13 29.78 -27.44 22.45
N SER A 14 30.26 -26.79 21.39
CA SER A 14 30.56 -25.36 21.42
C SER A 14 29.28 -24.53 21.35
N ALA A 15 29.40 -23.26 21.75
CA ALA A 15 28.24 -22.37 21.83
C ALA A 15 28.04 -21.55 20.55
N VAL A 16 28.07 -22.22 19.41
CA VAL A 16 27.92 -21.58 18.08
C VAL A 16 27.08 -22.48 17.16
N VAL A 17 26.35 -21.85 16.23
CA VAL A 17 25.61 -22.59 15.20
C VAL A 17 26.21 -22.31 13.83
N LYS A 18 26.95 -23.28 13.31
CA LYS A 18 27.50 -23.20 11.96
C LYS A 18 26.35 -23.11 10.97
N LEU A 19 26.02 -21.89 10.57
CA LEU A 19 25.00 -21.68 9.55
C LEU A 19 25.49 -22.33 8.25
N ALA A 20 24.60 -23.07 7.58
CA ALA A 20 24.92 -23.70 6.30
C ALA A 20 24.26 -22.95 5.13
N THR A 21 24.57 -23.39 3.92
CA THR A 21 23.99 -22.81 2.71
C THR A 21 22.47 -23.06 2.65
N ASP A 22 22.01 -24.14 3.30
CA ASP A 22 20.58 -24.41 3.39
C ASP A 22 19.72 -23.15 3.56
N SER A 23 20.07 -22.26 4.50
CA SER A 23 19.41 -20.95 4.60
C SER A 23 20.13 -19.89 5.45
N PHE A 24 21.20 -19.31 4.89
CA PHE A 24 21.89 -18.15 5.48
C PHE A 24 20.93 -16.97 5.61
N ASN A 25 20.30 -16.62 4.50
CA ASN A 25 19.43 -15.45 4.43
C ASN A 25 18.18 -15.54 5.33
N GLU A 26 17.51 -16.69 5.38
CA GLU A 26 16.34 -16.84 6.28
C GLU A 26 16.75 -16.67 7.74
N TYR A 27 17.99 -17.03 8.06
CA TYR A 27 18.55 -16.84 9.39
C TYR A 27 18.99 -15.39 9.63
N ILE A 28 19.68 -14.81 8.65
CA ILE A 28 20.15 -13.41 8.77
C ILE A 28 18.99 -12.46 9.04
N GLN A 29 18.08 -12.36 8.06
CA GLN A 29 17.06 -11.31 8.07
C GLN A 29 15.99 -11.48 9.14
N SER A 30 15.92 -12.67 9.75
CA SER A 30 15.10 -12.89 10.94
C SER A 30 15.73 -12.29 12.19
N HIS A 31 17.06 -12.45 12.31
CA HIS A 31 17.81 -11.99 13.48
C HIS A 31 18.19 -10.52 13.36
N ASP A 32 18.11 -9.83 14.50
CA ASP A 32 18.19 -8.37 14.55
C ASP A 32 19.61 -7.85 14.30
N LEU A 33 20.62 -8.69 14.54
CA LEU A 33 22.02 -8.28 14.49
C LEU A 33 22.95 -9.49 14.46
N VAL A 34 23.29 -9.96 13.27
CA VAL A 34 24.09 -11.16 13.11
C VAL A 34 25.58 -10.83 12.96
N LEU A 35 26.41 -11.69 13.57
CA LEU A 35 27.85 -11.57 13.54
C LEU A 35 28.45 -12.80 12.84
N ALA A 36 28.80 -12.62 11.58
CA ALA A 36 29.23 -13.73 10.75
C ALA A 36 30.71 -14.02 10.91
N GLU A 37 31.11 -15.21 10.46
CA GLU A 37 32.50 -15.56 10.21
C GLU A 37 32.57 -16.53 9.05
N PHE A 38 32.77 -16.00 7.85
CA PHE A 38 32.93 -16.83 6.66
C PHE A 38 34.37 -17.28 6.68
N PHE A 39 34.59 -18.58 6.75
CA PHE A 39 35.93 -19.09 7.01
C PHE A 39 36.25 -20.33 6.18
N ALA A 40 37.55 -20.67 6.16
CA ALA A 40 38.04 -21.91 5.57
C ALA A 40 38.90 -22.62 6.63
N PRO A 41 38.94 -23.97 6.59
CA PRO A 41 39.57 -24.78 7.65
C PRO A 41 41.09 -24.73 7.64
N TRP A 42 41.67 -24.70 6.44
CA TRP A 42 43.13 -24.73 6.28
C TRP A 42 43.75 -23.36 6.50
N CYS A 43 42.91 -22.32 6.53
CA CYS A 43 43.36 -21.00 6.93
C CYS A 43 43.77 -21.03 8.39
N GLY A 44 45.07 -21.03 8.63
CA GLY A 44 45.61 -21.03 9.97
C GLY A 44 44.93 -20.04 10.89
N HIS A 45 44.78 -18.80 10.45
CA HIS A 45 44.12 -17.76 11.25
C HIS A 45 42.69 -18.11 11.60
N CYS A 46 42.01 -18.80 10.70
CA CYS A 46 40.62 -19.20 10.91
C CYS A 46 40.49 -20.39 11.86
N LYS A 47 41.62 -21.05 12.12
CA LYS A 47 41.78 -21.99 13.24
C LYS A 47 42.39 -21.23 14.41
N ASN A 48 43.39 -20.42 14.09
CA ASN A 48 44.20 -19.69 15.07
C ASN A 48 43.52 -18.46 15.66
N MET A 49 42.18 -18.43 15.61
CA MET A 49 41.39 -17.58 16.49
C MET A 49 40.02 -18.21 16.82
N ALA A 50 39.91 -19.53 16.63
CA ALA A 50 38.65 -20.26 16.82
C ALA A 50 38.23 -20.41 18.29
N PRO A 51 39.19 -20.72 19.19
CA PRO A 51 38.88 -20.70 20.63
C PRO A 51 38.35 -19.34 21.11
N GLU A 52 38.78 -18.26 20.46
CA GLU A 52 38.30 -16.92 20.77
C GLU A 52 36.86 -16.71 20.30
N TYR A 53 36.51 -17.26 19.14
CA TYR A 53 35.12 -17.23 18.68
C TYR A 53 34.25 -18.01 19.69
N VAL A 54 34.75 -19.16 20.15
CA VAL A 54 34.07 -19.98 21.18
C VAL A 54 34.03 -19.26 22.52
N LYS A 55 35.15 -18.64 22.89
CA LYS A 55 35.22 -17.88 24.13
C LYS A 55 34.37 -16.61 24.05
N ALA A 56 34.11 -16.13 22.84
CA ALA A 56 33.09 -15.11 22.64
C ALA A 56 31.82 -15.78 22.13
N ALA A 57 31.55 -16.99 22.61
CA ALA A 57 30.34 -17.71 22.24
C ALA A 57 29.55 -18.07 23.47
N GLU A 58 30.05 -19.02 24.26
CA GLU A 58 29.31 -19.51 25.42
C GLU A 58 28.98 -18.35 26.34
N THR A 59 29.94 -17.43 26.49
CA THR A 59 29.71 -16.23 27.29
C THR A 59 28.74 -15.28 26.58
N LEU A 60 28.93 -15.09 25.28
CA LEU A 60 28.05 -14.19 24.52
C LEU A 60 26.88 -14.91 23.89
N VAL A 61 25.90 -15.25 24.74
CA VAL A 61 24.56 -15.54 24.27
C VAL A 61 23.53 -14.73 25.09
N GLU A 62 23.98 -14.05 26.14
CA GLU A 62 23.08 -13.36 27.09
C GLU A 62 22.53 -12.03 26.54
N LYS A 63 23.18 -11.50 25.51
CA LYS A 63 22.61 -10.44 24.69
C LYS A 63 22.34 -11.05 23.31
N ASN A 64 21.74 -12.24 23.35
CA ASN A 64 21.70 -13.19 22.22
C ASN A 64 22.50 -12.76 21.00
N ILE A 65 23.81 -12.92 21.10
CA ILE A 65 24.73 -12.65 20.01
C ILE A 65 24.76 -13.86 19.10
N THR A 66 24.93 -13.63 17.80
CA THR A 66 25.04 -14.72 16.83
C THR A 66 26.49 -15.03 16.45
N LEU A 67 26.87 -16.28 16.62
CA LEU A 67 28.12 -16.79 16.09
C LEU A 67 27.76 -17.64 14.91
N ALA A 68 28.42 -17.39 13.79
CA ALA A 68 28.07 -18.00 12.54
C ALA A 68 29.32 -18.36 11.77
N GLN A 69 29.74 -19.61 11.88
CA GLN A 69 30.82 -20.13 11.08
C GLN A 69 30.26 -20.62 9.76
N ILE A 70 30.79 -20.11 8.66
CA ILE A 70 30.39 -20.57 7.34
C ILE A 70 31.59 -21.23 6.64
N ASP A 71 31.64 -22.56 6.68
CA ASP A 71 32.71 -23.30 6.03
C ASP A 71 32.61 -23.09 4.52
N CYS A 72 33.25 -22.04 4.03
CA CYS A 72 33.23 -21.73 2.60
C CYS A 72 33.88 -22.83 1.73
N THR A 73 34.33 -23.92 2.34
CA THR A 73 34.77 -25.09 1.59
C THR A 73 33.57 -25.82 1.01
N GLU A 74 32.66 -26.20 1.89
CA GLU A 74 31.52 -27.03 1.51
C GLU A 74 30.30 -26.15 1.23
N ASN A 75 30.11 -25.09 2.01
CA ASN A 75 29.05 -24.11 1.77
C ASN A 75 29.51 -23.09 0.72
N GLN A 76 29.96 -23.57 -0.44
CA GLN A 76 30.68 -22.72 -1.38
C GLN A 76 29.79 -21.77 -2.15
N ASP A 77 28.67 -22.28 -2.67
CA ASP A 77 27.77 -21.50 -3.51
C ASP A 77 27.12 -20.32 -2.75
N LEU A 78 27.15 -20.38 -1.42
CA LEU A 78 26.72 -19.27 -0.55
C LEU A 78 27.79 -18.16 -0.47
N CYS A 79 29.05 -18.51 -0.72
CA CYS A 79 30.12 -17.52 -0.79
C CYS A 79 29.96 -16.67 -2.03
N MET A 80 29.17 -17.16 -2.99
CA MET A 80 28.92 -16.44 -4.22
C MET A 80 27.90 -15.33 -4.01
N GLU A 81 26.76 -15.68 -3.43
CA GLU A 81 25.73 -14.70 -3.09
C GLU A 81 26.24 -13.69 -2.05
N HIS A 82 27.47 -13.89 -1.53
CA HIS A 82 28.13 -12.97 -0.59
C HIS A 82 29.59 -12.68 -1.00
N ASN A 83 29.89 -11.42 -1.31
CA ASN A 83 31.18 -11.06 -1.93
C ASN A 83 32.37 -11.12 -0.96
N ILE A 84 32.84 -12.34 -0.72
CA ILE A 84 33.88 -12.57 0.27
C ILE A 84 35.24 -12.15 -0.27
N PRO A 85 35.99 -11.35 0.53
CA PRO A 85 37.38 -11.02 0.20
C PRO A 85 38.36 -12.19 0.44
N GLY A 86 38.69 -12.47 1.69
CA GLY A 86 39.62 -13.55 2.05
C GLY A 86 39.28 -14.09 3.42
N PHE A 87 39.93 -15.20 3.80
CA PHE A 87 39.65 -15.86 5.07
C PHE A 87 40.58 -15.38 6.19
N PRO A 88 40.06 -15.24 7.43
CA PRO A 88 38.64 -15.34 7.77
C PRO A 88 37.92 -14.03 7.44
N SER A 89 36.65 -14.13 7.10
CA SER A 89 35.83 -12.95 6.82
C SER A 89 34.87 -12.69 8.00
N LEU A 90 34.96 -11.49 8.56
CA LEU A 90 34.15 -11.09 9.71
C LEU A 90 33.17 -9.99 9.32
N LYS A 91 32.54 -10.17 8.15
CA LYS A 91 31.51 -9.26 7.69
C LYS A 91 30.27 -9.53 8.56
N ILE A 92 29.90 -8.55 9.37
CA ILE A 92 28.83 -8.71 10.35
C ILE A 92 27.60 -7.85 10.00
N PHE A 93 26.44 -8.47 10.01
CA PHE A 93 25.23 -7.86 9.46
C PHE A 93 24.39 -7.22 10.57
N LYS A 94 23.86 -6.02 10.31
CA LYS A 94 23.14 -5.25 11.32
C LYS A 94 21.62 -5.50 11.24
N ASN A 95 20.81 -4.48 10.91
CA ASN A 95 19.35 -4.64 10.77
C ASN A 95 18.99 -5.93 10.04
N SER A 96 19.97 -6.45 9.29
CA SER A 96 19.97 -7.82 8.79
C SER A 96 19.13 -7.92 7.53
N ASP A 97 19.63 -7.28 6.49
CA ASP A 97 19.35 -7.69 5.13
C ASP A 97 20.70 -8.20 4.61
N VAL A 98 20.71 -8.73 3.41
CA VAL A 98 21.95 -9.22 2.83
C VAL A 98 22.55 -8.18 1.88
N ASN A 99 22.65 -6.95 2.39
CA ASN A 99 23.44 -5.90 1.76
C ASN A 99 24.55 -5.46 2.71
N ASN A 100 24.17 -4.90 3.86
CA ASN A 100 25.13 -4.37 4.85
C ASN A 100 26.18 -5.38 5.35
N SER A 101 27.31 -5.44 4.65
CA SER A 101 28.36 -6.41 4.93
C SER A 101 29.70 -5.72 5.22
N ILE A 102 29.78 -5.04 6.36
CA ILE A 102 31.01 -4.36 6.78
C ILE A 102 32.11 -5.34 7.24
N ASP A 103 33.01 -5.63 6.31
CA ASP A 103 34.13 -6.56 6.55
C ASP A 103 35.09 -6.12 7.68
N TYR A 104 34.63 -6.30 8.92
CA TYR A 104 35.34 -5.86 10.14
C TYR A 104 36.75 -6.45 10.29
N GLU A 105 37.76 -5.60 10.14
CA GLU A 105 39.17 -6.00 10.23
C GLU A 105 39.74 -5.75 11.63
N GLY A 106 38.86 -5.56 12.62
CA GLY A 106 39.30 -5.39 14.01
C GLY A 106 39.65 -6.73 14.64
N PRO A 107 40.27 -6.69 15.84
CA PRO A 107 40.90 -7.82 16.54
C PRO A 107 40.17 -9.15 16.41
N ARG A 108 40.93 -10.22 16.57
CA ARG A 108 40.38 -11.56 16.44
C ARG A 108 40.48 -12.27 17.78
N THR A 109 40.08 -11.57 18.84
CA THR A 109 40.07 -12.10 20.21
C THR A 109 38.64 -12.08 20.73
N ALA A 110 38.40 -12.81 21.80
CA ALA A 110 37.07 -12.91 22.42
C ALA A 110 36.82 -11.70 23.28
N GLU A 111 37.77 -11.43 24.18
CA GLU A 111 37.67 -10.34 25.13
C GLU A 111 37.80 -8.99 24.43
N ALA A 112 38.27 -9.01 23.18
CA ALA A 112 38.26 -7.82 22.33
C ALA A 112 36.88 -7.63 21.70
N ILE A 113 36.50 -8.55 20.82
CA ILE A 113 35.27 -8.39 20.04
C ILE A 113 33.97 -8.62 20.85
N VAL A 114 34.08 -9.26 22.01
CA VAL A 114 32.96 -9.25 22.96
C VAL A 114 32.38 -7.84 23.05
N GLN A 115 33.27 -6.85 23.07
CA GLN A 115 32.90 -5.45 23.22
C GLN A 115 32.20 -4.93 21.97
N PHE A 116 32.65 -5.40 20.80
CA PHE A 116 32.12 -4.96 19.51
C PHE A 116 30.70 -5.49 19.25
N MET A 117 30.26 -6.45 20.07
CA MET A 117 28.86 -6.87 20.07
C MET A 117 27.99 -5.89 20.84
N ILE A 118 28.64 -4.96 21.54
CA ILE A 118 28.01 -3.75 22.03
C ILE A 118 28.51 -2.57 21.20
N LYS A 119 28.61 -2.77 19.88
CA LYS A 119 28.91 -1.70 18.94
C LYS A 119 27.60 -1.06 18.51
N GLN A 120 26.65 -1.90 18.12
CA GLN A 120 25.28 -1.45 17.86
C GLN A 120 24.33 -2.20 18.80
N SER A 121 24.43 -1.92 20.09
CA SER A 121 23.43 -2.39 21.03
C SER A 121 22.10 -1.83 20.56
N GLN A 122 21.10 -2.69 20.48
CA GLN A 122 19.76 -2.27 20.05
C GLN A 122 18.78 -2.34 21.22
N PRO A 123 18.90 -1.40 22.18
CA PRO A 123 17.95 -1.40 23.27
C PRO A 123 16.61 -0.89 22.76
N ALA A 124 15.80 -1.81 22.23
CA ALA A 124 14.47 -1.48 21.73
C ALA A 124 13.50 -1.24 22.89
N VAL A 125 13.39 -2.26 23.74
CA VAL A 125 12.60 -2.19 24.97
C VAL A 125 13.21 -1.20 25.96
N ALA A 126 12.35 -0.47 26.64
CA ALA A 126 12.79 0.46 27.67
C ALA A 126 12.08 0.14 29.00
N VAL A 127 12.72 -0.72 29.80
CA VAL A 127 12.22 -1.05 31.13
C VAL A 127 12.27 0.19 32.02
N VAL A 128 11.22 0.45 32.78
CA VAL A 128 11.23 1.60 33.70
C VAL A 128 10.64 1.23 35.06
N ALA A 129 10.93 2.08 36.05
CA ALA A 129 10.34 1.97 37.39
C ALA A 129 9.19 2.95 37.52
N ASP A 130 9.46 4.21 37.17
CA ASP A 130 8.42 5.21 37.04
C ASP A 130 8.35 5.64 35.57
N LEU A 131 7.28 5.18 34.89
CA LEU A 131 6.89 5.69 33.57
C LEU A 131 6.64 7.19 33.57
N PRO A 132 5.94 7.71 34.58
CA PRO A 132 5.76 9.16 34.65
C PRO A 132 7.01 9.91 34.22
N ALA A 133 8.14 9.61 34.87
CA ALA A 133 9.43 10.22 34.54
C ALA A 133 9.76 10.05 33.05
N TYR A 134 10.01 8.81 32.64
CA TYR A 134 10.31 8.49 31.24
C TYR A 134 9.45 9.31 30.30
N LEU A 135 8.14 9.13 30.41
CA LEU A 135 7.17 9.84 29.56
C LEU A 135 7.47 11.34 29.47
N ALA A 136 7.83 11.93 30.60
CA ALA A 136 8.03 13.38 30.70
C ALA A 136 9.48 13.83 30.51
N ASN A 137 10.42 13.05 31.03
CA ASN A 137 11.84 13.31 30.77
C ASN A 137 12.09 13.12 29.28
N GLU A 138 11.52 12.05 28.71
CA GLU A 138 11.67 11.73 27.27
C GLU A 138 10.46 12.23 26.45
N THR A 139 10.54 13.48 25.99
CA THR A 139 9.55 14.03 25.04
C THR A 139 9.96 13.59 23.65
N PHE A 140 8.99 13.44 22.78
CA PHE A 140 9.22 12.86 21.46
C PHE A 140 7.96 12.99 20.64
N VAL A 141 8.14 12.97 19.34
CA VAL A 141 7.02 13.05 18.42
C VAL A 141 6.48 11.64 18.16
N THR A 142 7.18 10.64 18.68
CA THR A 142 6.87 9.24 18.47
C THR A 142 5.90 8.70 19.53
N PRO A 143 4.74 8.16 19.09
CA PRO A 143 3.95 7.37 20.02
C PRO A 143 4.73 6.19 20.56
N VAL A 144 4.36 5.76 21.75
CA VAL A 144 5.09 4.72 22.45
C VAL A 144 4.15 3.60 22.86
N ILE A 145 4.59 2.38 22.63
CA ILE A 145 3.83 1.23 23.07
C ILE A 145 4.36 0.92 24.44
N VAL A 146 3.48 0.58 25.38
CA VAL A 146 3.93 0.24 26.72
C VAL A 146 3.07 -0.81 27.41
N GLN A 147 3.72 -1.67 28.20
CA GLN A 147 3.03 -2.68 28.98
C GLN A 147 3.56 -2.65 30.41
N SER A 148 2.67 -2.87 31.38
CA SER A 148 3.05 -2.92 32.81
C SER A 148 2.70 -4.31 33.35
N GLY A 149 2.27 -4.39 34.62
CA GLY A 149 1.63 -5.59 35.14
C GLY A 149 2.55 -6.78 35.34
N LYS A 150 2.20 -7.91 34.73
CA LYS A 150 3.06 -9.08 34.72
C LYS A 150 2.99 -9.76 33.35
N ILE A 151 4.15 -9.90 32.71
CA ILE A 151 4.25 -10.20 31.29
C ILE A 151 4.20 -11.70 30.99
N ASP A 152 3.36 -12.10 30.04
CA ASP A 152 3.23 -13.52 29.68
C ASP A 152 4.39 -13.94 28.76
N ALA A 153 4.51 -15.25 28.52
CA ALA A 153 5.54 -15.81 27.65
C ALA A 153 5.35 -15.34 26.20
N ASP A 154 4.13 -15.49 25.69
CA ASP A 154 3.76 -14.95 24.37
C ASP A 154 3.74 -13.42 24.40
N PHE A 155 4.84 -12.79 24.79
CA PHE A 155 4.85 -11.34 24.96
C PHE A 155 6.21 -10.67 25.02
N ASN A 156 7.13 -11.17 25.84
CA ASN A 156 8.46 -10.54 25.92
C ASN A 156 9.12 -10.61 24.54
N ALA A 157 9.08 -11.79 23.92
CA ALA A 157 9.61 -11.99 22.57
C ALA A 157 8.55 -11.84 21.47
N THR A 158 7.59 -10.94 21.71
CA THR A 158 6.69 -10.42 20.67
C THR A 158 6.74 -8.89 20.73
N PHE A 159 6.56 -8.36 21.95
CA PHE A 159 6.74 -6.95 22.29
C PHE A 159 8.18 -6.52 22.01
N TYR A 160 9.15 -7.19 22.64
CA TYR A 160 10.57 -6.92 22.38
C TYR A 160 10.84 -7.24 20.91
N SER A 161 10.39 -8.42 20.49
CA SER A 161 10.47 -8.84 19.08
C SER A 161 10.06 -7.75 18.08
N MET A 162 8.79 -7.36 18.08
CA MET A 162 8.30 -6.40 17.08
C MET A 162 9.16 -5.16 17.12
N ALA A 163 9.22 -4.53 18.29
CA ALA A 163 10.07 -3.36 18.51
C ALA A 163 11.43 -3.53 17.86
N ASN A 164 12.16 -4.57 18.28
CA ASN A 164 13.51 -4.87 17.81
C ASN A 164 13.71 -4.52 16.34
N LYS A 165 12.69 -4.82 15.54
CA LYS A 165 12.64 -4.50 14.13
C LYS A 165 11.44 -3.57 13.88
N HIS A 166 11.45 -2.41 14.55
CA HIS A 166 10.36 -1.43 14.41
C HIS A 166 10.59 -0.10 15.09
N PHE A 167 11.84 0.38 15.16
CA PHE A 167 12.06 1.76 15.62
C PHE A 167 11.66 2.77 14.53
N ASN A 168 11.62 2.29 13.27
CA ASN A 168 11.08 3.06 12.13
C ASN A 168 9.58 3.46 12.32
N ASP A 169 9.10 3.35 13.56
CA ASP A 169 7.68 3.42 13.86
C ASP A 169 7.38 3.99 15.27
N TYR A 170 7.78 3.30 16.34
CA TYR A 170 7.39 3.68 17.73
C TYR A 170 8.51 3.66 18.78
N ASP A 171 8.21 4.17 19.97
CA ASP A 171 9.05 3.97 21.16
C ASP A 171 8.40 2.83 21.94
N PHE A 172 9.18 1.91 22.48
CA PHE A 172 8.63 0.65 23.05
C PHE A 172 9.04 0.40 24.49
N VAL A 173 8.28 0.96 25.41
CA VAL A 173 8.57 0.78 26.82
C VAL A 173 7.94 -0.53 27.25
N SER A 174 8.76 -1.40 27.84
CA SER A 174 8.31 -2.63 28.50
C SER A 174 8.59 -2.51 30.00
N ALA A 175 7.71 -1.79 30.68
CA ALA A 175 7.81 -1.58 32.13
C ALA A 175 7.04 -2.66 32.85
N GLU A 176 7.34 -2.88 34.13
CA GLU A 176 6.66 -3.93 34.90
C GLU A 176 6.76 -3.69 36.41
N ASN A 177 5.83 -2.88 36.93
CA ASN A 177 5.59 -2.80 38.36
C ASN A 177 4.78 -4.03 38.75
N ALA A 178 5.49 -5.15 38.92
CA ALA A 178 4.90 -6.49 39.06
C ALA A 178 3.65 -6.56 39.94
N ASP A 179 3.62 -5.76 41.00
CA ASP A 179 2.46 -5.65 41.89
C ASP A 179 1.30 -4.97 41.14
N ASP A 180 0.78 -5.65 40.12
CA ASP A 180 -0.14 -5.04 39.16
C ASP A 180 -0.62 -6.09 38.16
N ASP A 181 -1.89 -6.03 37.80
CA ASP A 181 -2.45 -6.89 36.75
C ASP A 181 -1.97 -6.41 35.38
N PHE A 182 -2.15 -7.25 34.37
CA PHE A 182 -1.63 -7.01 33.02
C PHE A 182 -2.08 -5.67 32.42
N LYS A 183 -1.50 -5.29 31.28
CA LYS A 183 -1.78 -4.00 30.63
C LYS A 183 -1.01 -3.86 29.32
N LEU A 184 -1.63 -3.22 28.32
CA LEU A 184 -0.95 -2.81 27.07
C LEU A 184 -1.51 -1.49 26.51
N SER A 185 -1.02 -0.39 27.06
CA SER A 185 -1.39 0.94 26.58
C SER A 185 -0.50 1.36 25.40
N ILE A 186 -0.92 2.45 24.76
CA ILE A 186 -0.17 3.07 23.67
C ILE A 186 -0.31 4.57 23.90
N TYR A 187 0.75 5.21 24.41
CA TYR A 187 0.67 6.62 24.75
C TYR A 187 0.89 7.50 23.50
N LEU A 188 -0.21 8.01 22.96
CA LEU A 188 -0.19 8.81 21.71
C LEU A 188 0.28 10.23 21.95
N PRO A 189 1.15 10.75 21.06
CA PRO A 189 1.82 12.04 21.28
C PRO A 189 0.87 13.22 21.46
N SER A 190 -0.36 13.14 20.94
CA SER A 190 -1.35 14.20 21.13
C SER A 190 -1.85 14.22 22.58
N ALA A 191 -2.82 13.35 22.89
CA ALA A 191 -3.34 13.24 24.25
C ALA A 191 -2.68 12.06 24.93
N MET A 192 -1.73 12.36 25.80
CA MET A 192 -1.05 11.35 26.57
C MET A 192 -1.83 11.05 27.84
N ASP A 193 -2.57 12.04 28.33
CA ASP A 193 -3.53 11.82 29.42
C ASP A 193 -4.33 10.55 29.15
N GLU A 194 -4.87 10.47 27.94
CA GLU A 194 -5.66 9.32 27.50
C GLU A 194 -4.77 8.40 26.66
N PRO A 195 -4.33 7.27 27.24
CA PRO A 195 -3.63 6.22 26.50
C PRO A 195 -4.63 5.23 25.89
N VAL A 196 -4.29 3.93 25.79
CA VAL A 196 -5.18 2.96 25.14
C VAL A 196 -5.80 1.91 26.04
N VAL A 197 -7.12 2.03 26.19
CA VAL A 197 -7.98 0.95 26.66
C VAL A 197 -7.81 -0.21 25.70
N TYR A 198 -6.90 -1.13 26.05
CA TYR A 198 -6.72 -2.34 25.26
C TYR A 198 -7.51 -3.51 25.86
N ASN A 199 -8.43 -4.04 25.08
CA ASN A 199 -9.25 -5.18 25.48
C ASN A 199 -8.44 -6.45 25.40
N GLY A 200 -8.51 -7.26 26.47
CA GLY A 200 -7.56 -8.33 26.73
C GLY A 200 -7.91 -9.73 26.24
N LYS A 201 -7.99 -9.90 24.92
CA LYS A 201 -7.83 -11.20 24.29
C LYS A 201 -6.36 -11.24 23.82
N LYS A 202 -5.55 -12.02 24.54
CA LYS A 202 -4.07 -11.89 24.51
C LYS A 202 -3.35 -12.93 23.64
N ALA A 203 -3.53 -14.22 23.95
CA ALA A 203 -2.83 -15.31 23.27
C ALA A 203 -2.95 -15.29 21.74
N ASP A 204 -4.00 -14.64 21.24
CA ASP A 204 -4.14 -14.36 19.80
C ASP A 204 -3.44 -13.06 19.41
N ILE A 205 -3.54 -12.05 20.26
CA ILE A 205 -2.78 -10.81 20.05
C ILE A 205 -1.43 -11.00 20.70
N ALA A 206 -0.69 -11.95 20.14
CA ALA A 206 0.71 -12.16 20.46
C ALA A 206 1.43 -12.61 19.20
N ASP A 207 1.07 -12.02 18.06
CA ASP A 207 1.71 -12.29 16.76
C ASP A 207 1.37 -11.23 15.69
N ALA A 208 2.06 -11.29 14.55
CA ALA A 208 1.78 -10.43 13.38
C ALA A 208 1.16 -11.29 12.26
N ASP A 209 0.12 -10.81 11.60
CA ASP A 209 -0.25 -9.39 11.57
C ASP A 209 -1.27 -8.94 12.65
N VAL A 210 -1.42 -9.71 13.72
CA VAL A 210 -2.43 -9.41 14.76
C VAL A 210 -1.99 -8.26 15.69
N PHE A 211 -0.93 -8.50 16.47
CA PHE A 211 -0.29 -7.45 17.26
C PHE A 211 -0.08 -6.23 16.35
N GLU A 212 0.51 -6.47 15.18
CA GLU A 212 0.72 -5.47 14.12
C GLU A 212 -0.52 -4.63 13.79
N LYS A 213 -1.53 -5.24 13.15
CA LYS A 213 -2.74 -4.50 12.71
C LYS A 213 -3.28 -3.57 13.80
N TRP A 214 -3.18 -4.01 15.05
CA TRP A 214 -3.68 -3.23 16.17
C TRP A 214 -2.92 -1.92 16.38
N LEU A 215 -1.60 -1.91 16.14
CA LEU A 215 -0.82 -0.68 16.18
C LEU A 215 -1.18 0.16 14.98
N GLN A 216 -1.11 -0.49 13.82
CA GLN A 216 -1.53 0.07 12.54
C GLN A 216 -2.91 0.74 12.64
N VAL A 217 -3.72 0.30 13.60
CA VAL A 217 -4.99 0.95 13.90
C VAL A 217 -4.78 2.05 14.92
N GLU A 218 -4.33 1.66 16.09
CA GLU A 218 -4.40 2.52 17.25
C GLU A 218 -3.24 3.52 17.36
N ALA A 219 -2.16 3.31 16.61
CA ALA A 219 -1.01 4.20 16.71
C ALA A 219 -1.18 5.49 15.91
N LEU A 220 -2.30 5.60 15.19
CA LEU A 220 -2.58 6.79 14.40
C LEU A 220 -3.34 7.80 15.24
N PRO A 221 -2.88 9.04 15.29
CA PRO A 221 -3.49 10.01 16.19
C PRO A 221 -4.90 10.25 15.74
N TYR A 222 -5.85 9.98 16.61
CA TYR A 222 -7.27 10.05 16.27
C TYR A 222 -7.61 11.02 15.14
N PHE A 223 -7.02 12.22 15.21
CA PHE A 223 -7.31 13.28 14.27
C PHE A 223 -6.06 14.11 14.00
N GLY A 224 -5.11 13.49 13.33
CA GLY A 224 -3.89 14.18 12.95
C GLY A 224 -4.07 14.80 11.58
N GLU A 225 -3.04 15.53 11.17
CA GLU A 225 -2.92 16.06 9.81
C GLU A 225 -2.61 14.91 8.85
N ILE A 226 -2.76 15.17 7.56
CA ILE A 226 -2.51 14.16 6.53
C ILE A 226 -1.31 14.48 5.66
N ASP A 227 -0.12 14.23 6.21
CA ASP A 227 1.14 14.30 5.51
C ASP A 227 1.18 13.32 4.36
N GLY A 228 2.14 13.52 3.45
CA GLY A 228 2.41 12.54 2.40
C GLY A 228 2.86 11.27 3.08
N SER A 229 3.78 11.43 4.02
CA SER A 229 4.30 10.35 4.84
C SER A 229 3.20 9.51 5.50
N VAL A 230 2.44 10.13 6.40
CA VAL A 230 1.46 9.38 7.19
C VAL A 230 0.43 8.71 6.29
N PHE A 231 0.17 9.32 5.13
CA PHE A 231 -0.87 8.85 4.20
C PHE A 231 -0.65 7.43 3.73
N ALA A 232 0.61 7.00 3.72
CA ALA A 232 0.94 5.59 3.58
C ALA A 232 0.07 4.76 4.54
N GLN A 233 0.30 4.91 5.85
CA GLN A 233 -0.31 4.01 6.81
C GLN A 233 -1.77 4.33 7.05
N TYR A 234 -2.22 5.49 6.60
CA TYR A 234 -3.66 5.76 6.57
C TYR A 234 -4.35 4.86 5.55
N VAL A 235 -3.60 4.37 4.56
CA VAL A 235 -4.20 3.47 3.58
C VAL A 235 -3.89 2.01 3.95
N GLU A 236 -2.73 1.75 4.56
CA GLU A 236 -2.48 0.47 5.24
C GLU A 236 -3.45 0.45 6.42
N SER A 237 -4.73 0.20 6.15
CA SER A 237 -5.77 0.33 7.15
C SER A 237 -7.06 -0.36 6.75
N GLY A 238 -7.57 -0.02 5.58
CA GLY A 238 -8.86 -0.54 5.12
C GLY A 238 -10.01 0.32 5.63
N LEU A 239 -9.74 1.10 6.69
CA LEU A 239 -10.75 1.99 7.24
C LEU A 239 -10.91 3.21 6.33
N PRO A 240 -12.13 3.42 5.82
CA PRO A 240 -12.41 4.67 5.15
C PRO A 240 -12.09 5.88 6.03
N LEU A 241 -11.24 6.78 5.56
CA LEU A 241 -10.95 7.99 6.32
C LEU A 241 -11.84 9.14 5.83
N GLY A 242 -12.30 9.95 6.77
CA GLY A 242 -13.07 11.15 6.48
C GLY A 242 -12.16 12.38 6.46
N TYR A 243 -12.00 12.98 5.28
CA TYR A 243 -11.16 14.16 5.14
C TYR A 243 -11.97 15.39 5.46
N LEU A 244 -11.36 16.31 6.20
CA LEU A 244 -11.93 17.61 6.42
C LEU A 244 -10.90 18.63 5.98
N PHE A 245 -11.36 19.67 5.31
CA PHE A 245 -10.49 20.69 4.78
C PHE A 245 -10.50 21.96 5.59
N TYR A 246 -9.32 22.55 5.76
CA TYR A 246 -9.23 23.80 6.50
C TYR A 246 -8.65 24.97 5.70
N ASN A 247 -9.11 26.16 6.07
CA ASN A 247 -8.62 27.42 5.53
C ASN A 247 -7.86 28.16 6.62
N ASP A 248 -8.53 28.39 7.76
CA ASP A 248 -7.91 28.94 8.96
C ASP A 248 -7.76 27.86 10.02
N GLU A 249 -7.12 28.22 11.12
CA GLU A 249 -6.96 27.28 12.22
C GLU A 249 -8.07 27.48 13.26
N GLU A 250 -8.64 28.70 13.32
CA GLU A 250 -9.94 28.90 13.98
C GLU A 250 -10.93 27.93 13.37
N GLU A 251 -10.80 27.73 12.06
CA GLU A 251 -11.59 26.77 11.29
C GLU A 251 -11.15 25.34 11.60
N LEU A 252 -9.85 25.13 11.79
CA LEU A 252 -9.35 23.85 12.25
C LEU A 252 -9.85 23.56 13.66
N GLU A 253 -9.57 24.47 14.59
CA GLU A 253 -9.75 24.24 16.03
C GLU A 253 -11.17 24.47 16.54
N GLU A 254 -12.05 25.00 15.67
CA GLU A 254 -13.48 24.96 15.93
C GLU A 254 -13.98 23.54 15.70
N TYR A 255 -13.33 22.86 14.76
CA TYR A 255 -13.74 21.54 14.34
C TYR A 255 -12.95 20.44 15.05
N LYS A 256 -11.71 20.75 15.47
CA LYS A 256 -10.75 19.73 15.90
C LYS A 256 -11.22 18.85 17.07
N PRO A 257 -11.96 19.44 18.02
CA PRO A 257 -12.53 18.55 19.03
C PRO A 257 -13.54 17.55 18.46
N LEU A 258 -14.49 18.02 17.66
CA LEU A 258 -15.58 17.17 17.19
C LEU A 258 -15.11 15.88 16.56
N PHE A 259 -14.16 16.00 15.64
CA PHE A 259 -13.67 14.86 14.88
C PHE A 259 -12.85 13.89 15.68
N THR A 260 -12.18 14.39 16.71
CA THR A 260 -11.50 13.53 17.66
C THR A 260 -12.55 12.63 18.28
N GLU A 261 -13.58 13.24 18.81
CA GLU A 261 -14.66 12.54 19.52
C GLU A 261 -15.36 11.51 18.61
N LEU A 262 -15.45 11.81 17.31
CA LEU A 262 -15.97 10.84 16.34
C LEU A 262 -15.02 9.66 16.25
N ALA A 263 -13.79 9.96 15.87
CA ALA A 263 -12.75 8.95 15.65
C ALA A 263 -12.61 8.01 16.84
N LYS A 264 -12.91 8.53 18.03
CA LYS A 264 -12.88 7.72 19.25
C LYS A 264 -14.00 6.68 19.29
N LYS A 265 -15.22 7.10 18.98
CA LYS A 265 -16.35 6.17 18.99
C LYS A 265 -16.15 5.16 17.85
N ASN A 266 -15.95 5.66 16.65
CA ASN A 266 -15.84 4.82 15.46
C ASN A 266 -14.40 4.45 15.22
N ARG A 267 -13.81 3.75 16.18
CA ARG A 267 -12.41 3.41 16.15
C ARG A 267 -12.29 1.94 15.76
N GLY A 268 -12.06 1.72 14.47
CA GLY A 268 -12.10 0.40 13.87
C GLY A 268 -12.96 0.36 12.60
N LEU A 269 -13.89 1.30 12.49
CA LEU A 269 -14.84 1.36 11.37
C LEU A 269 -14.35 2.29 10.27
N MET A 270 -13.92 3.50 10.66
CA MET A 270 -13.45 4.52 9.72
C MET A 270 -12.54 5.55 10.40
N ASN A 271 -11.67 6.18 9.62
CA ASN A 271 -10.67 7.10 10.14
C ASN A 271 -10.97 8.57 9.88
N PHE A 272 -10.13 9.45 10.44
CA PHE A 272 -10.33 10.88 10.30
C PHE A 272 -9.04 11.70 10.29
N VAL A 273 -8.99 12.68 9.37
CA VAL A 273 -7.84 13.53 9.15
C VAL A 273 -8.34 14.89 8.73
N SER A 274 -7.46 15.89 8.85
CA SER A 274 -7.71 17.23 8.34
C SER A 274 -6.85 17.43 7.12
N ILE A 275 -7.05 18.51 6.40
CA ILE A 275 -6.22 18.80 5.23
C ILE A 275 -6.27 20.24 4.75
N ASP A 276 -5.23 21.00 5.07
CA ASP A 276 -5.08 22.35 4.55
C ASP A 276 -5.59 22.44 3.11
N ALA A 277 -6.54 23.34 2.88
CA ALA A 277 -7.14 23.53 1.55
C ALA A 277 -6.31 24.47 0.70
N ARG A 278 -5.43 25.22 1.34
CA ARG A 278 -4.58 26.15 0.64
C ARG A 278 -3.62 25.41 -0.27
N LYS A 279 -3.04 24.33 0.22
CA LYS A 279 -2.10 23.56 -0.59
C LYS A 279 -2.78 22.44 -1.35
N PHE A 280 -3.99 22.04 -0.94
CA PHE A 280 -4.71 20.98 -1.64
C PHE A 280 -6.20 21.25 -1.83
N GLY A 281 -6.52 22.31 -2.57
CA GLY A 281 -7.86 22.46 -3.11
C GLY A 281 -8.02 21.48 -4.26
N ARG A 282 -6.93 21.29 -5.00
CA ARG A 282 -6.92 20.48 -6.22
C ARG A 282 -7.21 18.98 -5.98
N HIS A 283 -7.06 18.50 -4.76
CA HIS A 283 -7.52 17.14 -4.43
C HIS A 283 -9.07 17.13 -4.45
N ALA A 284 -9.70 18.22 -4.01
CA ALA A 284 -11.16 18.23 -3.77
C ALA A 284 -11.95 17.40 -4.78
N GLY A 285 -11.79 17.72 -6.06
CA GLY A 285 -12.44 16.97 -7.13
C GLY A 285 -12.09 15.50 -7.11
N ASN A 286 -10.83 15.19 -6.81
CA ASN A 286 -10.39 13.81 -6.76
C ASN A 286 -11.19 13.02 -5.73
N LEU A 287 -11.84 13.72 -4.82
CA LEU A 287 -12.84 13.07 -3.98
C LEU A 287 -14.25 13.41 -4.40
N ASN A 288 -14.43 13.69 -5.69
CA ASN A 288 -15.73 14.05 -6.22
C ASN A 288 -16.39 15.04 -5.26
N MET A 289 -15.96 16.28 -5.39
CA MET A 289 -16.28 17.31 -4.41
C MET A 289 -15.81 18.66 -4.94
N LYS A 290 -16.68 19.67 -4.88
CA LYS A 290 -16.32 21.02 -5.33
C LYS A 290 -15.39 21.69 -4.31
N GLU A 291 -14.59 22.65 -4.78
CA GLU A 291 -13.62 23.35 -3.94
C GLU A 291 -14.27 24.47 -3.10
N GLN A 292 -15.22 24.09 -2.26
CA GLN A 292 -15.89 25.00 -1.31
C GLN A 292 -15.41 24.56 0.07
N PHE A 293 -14.90 25.50 0.87
CA PHE A 293 -14.24 25.13 2.12
C PHE A 293 -14.79 25.92 3.29
N PRO A 294 -14.88 25.28 4.48
CA PRO A 294 -14.30 23.99 4.82
C PRO A 294 -15.14 22.80 4.34
N LEU A 295 -14.45 21.79 3.84
CA LEU A 295 -15.07 20.68 3.13
C LEU A 295 -14.80 19.37 3.83
N PHE A 296 -15.86 18.74 4.30
CA PHE A 296 -15.77 17.39 4.82
C PHE A 296 -16.23 16.39 3.76
N ALA A 297 -15.47 15.30 3.64
CA ALA A 297 -15.82 14.22 2.73
C ALA A 297 -15.22 12.91 3.22
N ILE A 298 -15.92 11.82 2.95
CA ILE A 298 -15.48 10.46 3.26
C ILE A 298 -14.94 9.84 1.98
N HIS A 299 -14.01 8.90 2.11
CA HIS A 299 -13.57 8.11 0.97
C HIS A 299 -13.51 6.63 1.32
N ASP A 300 -14.41 5.83 0.74
CA ASP A 300 -14.31 4.39 0.84
C ASP A 300 -13.15 3.94 -0.04
N MET A 301 -11.99 3.81 0.59
CA MET A 301 -10.78 3.44 -0.12
C MET A 301 -10.89 2.08 -0.77
N THR A 302 -11.70 1.19 -0.19
CA THR A 302 -11.79 -0.19 -0.67
C THR A 302 -12.45 -0.35 -2.03
N GLU A 303 -13.50 0.44 -2.30
CA GLU A 303 -14.26 0.32 -3.55
C GLU A 303 -14.32 1.63 -4.36
N ASP A 304 -13.56 2.65 -3.93
CA ASP A 304 -13.55 3.95 -4.58
C ASP A 304 -14.94 4.56 -4.61
N LEU A 305 -15.39 5.01 -3.44
CA LEU A 305 -16.64 5.75 -3.31
C LEU A 305 -16.49 6.92 -2.36
N LYS A 306 -16.82 8.11 -2.85
CA LYS A 306 -16.70 9.35 -2.10
C LYS A 306 -18.06 9.89 -1.64
N TYR A 307 -18.13 10.30 -0.39
CA TYR A 307 -19.34 10.87 0.15
C TYR A 307 -19.01 12.23 0.72
N GLY A 308 -19.64 13.26 0.18
CA GLY A 308 -19.46 14.61 0.68
C GLY A 308 -20.64 15.04 1.50
N LEU A 309 -20.40 15.97 2.42
CA LEU A 309 -21.48 16.70 3.07
C LEU A 309 -22.05 17.63 1.98
N PRO A 310 -23.35 17.46 1.65
CA PRO A 310 -23.92 17.91 0.36
C PRO A 310 -23.59 19.38 0.05
N GLN A 311 -22.46 19.55 -0.62
CA GLN A 311 -21.90 20.87 -0.89
C GLN A 311 -22.91 21.83 -1.50
N LEU A 312 -22.73 23.10 -1.16
CA LEU A 312 -23.69 24.13 -1.53
C LEU A 312 -23.57 24.47 -3.02
N SER A 313 -24.63 25.04 -3.57
CA SER A 313 -24.77 25.20 -5.02
C SER A 313 -23.81 26.25 -5.62
N GLU A 314 -23.56 26.11 -6.91
CA GLU A 314 -22.59 26.97 -7.60
C GLU A 314 -23.17 28.34 -7.90
N GLU A 315 -24.45 28.37 -8.27
CA GLU A 315 -25.15 29.64 -8.51
C GLU A 315 -25.44 30.42 -7.22
N ALA A 316 -24.87 29.95 -6.11
CA ALA A 316 -24.74 30.77 -4.90
C ALA A 316 -23.32 30.70 -4.33
N PHE A 317 -22.34 30.33 -5.15
CA PHE A 317 -20.94 30.26 -4.72
C PHE A 317 -20.33 31.65 -4.74
N ASP A 318 -20.24 32.24 -5.92
CA ASP A 318 -19.68 33.59 -6.06
C ASP A 318 -20.45 34.58 -5.18
N GLU A 319 -21.77 34.47 -5.19
CA GLU A 319 -22.62 35.21 -4.26
C GLU A 319 -22.57 34.55 -2.89
N LEU A 320 -21.53 34.86 -2.12
CA LEU A 320 -21.39 34.36 -0.76
C LEU A 320 -20.18 34.99 -0.07
N SER A 321 -20.34 36.21 0.42
CA SER A 321 -19.29 36.92 1.17
C SER A 321 -19.11 36.32 2.56
N ASP A 322 -20.23 35.99 3.21
CA ASP A 322 -20.22 35.19 4.43
C ASP A 322 -19.50 33.89 4.12
N LYS A 323 -18.98 33.26 5.16
CA LYS A 323 -18.06 32.14 4.96
C LYS A 323 -18.84 30.83 4.94
N ILE A 324 -18.17 29.73 5.26
CA ILE A 324 -18.75 28.40 5.11
C ILE A 324 -18.62 27.66 6.45
N VAL A 325 -19.69 26.97 6.84
CA VAL A 325 -19.78 26.32 8.14
C VAL A 325 -20.51 24.98 8.10
N LEU A 326 -19.84 23.96 8.62
CA LEU A 326 -20.37 22.59 8.65
C LEU A 326 -20.91 22.32 10.04
N GLU A 327 -22.24 22.33 10.18
CA GLU A 327 -22.85 22.14 11.48
C GLU A 327 -22.59 20.73 11.96
N SER A 328 -22.06 20.63 13.18
CA SER A 328 -21.76 19.33 13.76
C SER A 328 -22.90 18.34 13.47
N LYS A 329 -24.11 18.68 13.91
CA LYS A 329 -25.30 17.86 13.63
C LYS A 329 -25.27 17.20 12.26
N ALA A 330 -24.82 17.93 11.24
CA ALA A 330 -24.71 17.40 9.88
C ALA A 330 -23.53 16.45 9.73
N ILE A 331 -22.41 16.82 10.34
CA ILE A 331 -21.19 16.01 10.26
C ILE A 331 -21.45 14.56 10.71
N GLU A 332 -22.07 14.41 11.88
CA GLU A 332 -22.34 13.08 12.43
C GLU A 332 -23.25 12.30 11.50
N SER A 333 -24.42 12.88 11.24
CA SER A 333 -25.46 12.25 10.42
C SER A 333 -24.93 11.66 9.13
N LEU A 334 -23.92 12.31 8.55
CA LEU A 334 -23.23 11.75 7.38
C LEU A 334 -22.52 10.48 7.76
N VAL A 335 -21.71 10.55 8.80
CA VAL A 335 -20.90 9.41 9.18
C VAL A 335 -21.77 8.22 9.47
N LYS A 336 -22.73 8.39 10.37
CA LYS A 336 -23.64 7.31 10.71
C LYS A 336 -24.21 6.72 9.42
N ASP A 337 -24.88 7.56 8.63
CA ASP A 337 -25.45 7.13 7.35
C ASP A 337 -24.50 6.19 6.61
N PHE A 338 -23.35 6.71 6.23
CA PHE A 338 -22.38 5.92 5.50
C PHE A 338 -22.33 4.53 6.07
N LEU A 339 -22.03 4.46 7.36
CA LEU A 339 -21.81 3.20 8.04
C LEU A 339 -23.09 2.33 8.10
N LYS A 340 -24.26 2.98 8.07
CA LYS A 340 -25.52 2.25 7.98
C LYS A 340 -25.65 1.56 6.63
N GLY A 341 -24.83 1.97 5.66
CA GLY A 341 -24.94 1.51 4.29
C GLY A 341 -26.05 2.27 3.60
N ASP A 342 -26.03 3.61 3.75
CA ASP A 342 -27.14 4.49 3.37
C ASP A 342 -26.71 5.73 2.54
N ALA A 343 -25.64 6.40 2.95
CA ALA A 343 -25.19 7.66 2.33
C ALA A 343 -25.02 7.61 0.81
N SER A 344 -25.24 8.73 0.15
CA SER A 344 -25.14 8.83 -1.31
C SER A 344 -23.70 9.00 -1.80
N PRO A 345 -23.17 8.04 -2.59
CA PRO A 345 -21.91 8.23 -3.29
C PRO A 345 -22.16 8.93 -4.60
N ILE A 346 -21.18 9.70 -5.10
CA ILE A 346 -21.42 10.65 -6.19
C ILE A 346 -20.48 10.47 -7.37
N VAL A 347 -21.00 9.87 -8.44
CA VAL A 347 -20.23 9.63 -9.67
C VAL A 347 -19.99 10.95 -10.40
N LYS A 348 -18.94 10.97 -11.25
CA LYS A 348 -18.62 12.14 -12.07
C LYS A 348 -19.05 11.96 -13.53
N SER A 349 -20.35 11.78 -13.76
CA SER A 349 -20.89 11.78 -15.12
C SER A 349 -20.74 13.19 -15.70
N GLN A 350 -19.91 13.33 -16.72
CA GLN A 350 -19.86 14.56 -17.51
C GLN A 350 -21.17 14.67 -18.28
N GLU A 351 -21.35 15.75 -19.02
CA GLU A 351 -22.61 15.95 -19.75
C GLU A 351 -22.65 15.08 -21.02
N ILE A 352 -23.80 14.45 -21.22
CA ILE A 352 -23.99 13.38 -22.21
C ILE A 352 -23.89 13.91 -23.64
N PHE A 353 -22.98 13.30 -24.41
CA PHE A 353 -22.57 13.80 -25.72
C PHE A 353 -23.69 13.80 -26.76
N GLU A 354 -24.26 14.98 -27.02
CA GLU A 354 -25.22 15.15 -28.11
C GLU A 354 -24.56 14.75 -29.41
N ASN A 355 -25.01 13.61 -29.93
CA ASN A 355 -24.29 12.81 -30.95
C ASN A 355 -23.31 13.61 -31.84
N GLN A 356 -22.01 13.33 -31.69
CA GLN A 356 -20.96 14.02 -32.46
C GLN A 356 -20.09 13.05 -33.30
N ASP A 357 -18.84 13.43 -33.56
CA ASP A 357 -18.05 12.97 -34.71
C ASP A 357 -18.04 11.45 -34.95
N SER A 358 -17.12 10.74 -34.31
CA SER A 358 -16.58 9.48 -34.86
C SER A 358 -17.17 8.19 -34.32
N SER A 359 -16.77 7.11 -34.99
CA SER A 359 -17.28 5.76 -34.76
C SER A 359 -16.96 5.23 -33.38
N VAL A 360 -16.11 5.94 -32.65
CA VAL A 360 -15.85 5.64 -31.26
C VAL A 360 -16.77 6.46 -30.37
N PHE A 361 -17.71 5.80 -29.71
CA PHE A 361 -18.65 6.48 -28.83
C PHE A 361 -17.97 6.91 -27.53
N GLN A 362 -17.87 8.23 -27.32
CA GLN A 362 -17.42 8.78 -26.04
C GLN A 362 -18.55 8.62 -25.03
N LEU A 363 -18.32 7.78 -24.02
CA LEU A 363 -19.33 7.42 -23.03
C LEU A 363 -19.20 8.21 -21.73
N VAL A 364 -20.25 8.11 -20.92
CA VAL A 364 -20.38 8.82 -19.67
C VAL A 364 -20.88 7.84 -18.60
N GLY A 365 -20.63 8.16 -17.34
CA GLY A 365 -21.12 7.35 -16.22
C GLY A 365 -22.61 7.05 -16.35
N LYS A 366 -23.41 8.09 -16.58
CA LYS A 366 -24.87 7.97 -16.62
C LYS A 366 -25.31 6.92 -17.65
N ASN A 367 -24.84 7.06 -18.88
CA ASN A 367 -25.17 6.10 -19.93
C ASN A 367 -24.47 4.76 -19.71
N HIS A 368 -23.19 4.80 -19.31
CA HIS A 368 -22.36 3.60 -19.28
C HIS A 368 -23.06 2.41 -18.68
N ASP A 369 -23.65 2.62 -17.50
CA ASP A 369 -24.43 1.56 -16.84
C ASP A 369 -25.41 0.93 -17.84
N GLU A 370 -26.08 1.78 -18.61
CA GLU A 370 -27.06 1.33 -19.59
C GLU A 370 -26.39 0.67 -20.80
N ILE A 371 -25.77 1.47 -21.66
CA ILE A 371 -25.23 1.00 -22.96
C ILE A 371 -24.38 -0.30 -22.86
N VAL A 372 -23.56 -0.42 -21.82
CA VAL A 372 -22.74 -1.62 -21.65
C VAL A 372 -23.59 -2.89 -21.57
N ASN A 373 -24.80 -2.76 -21.03
CA ASN A 373 -25.64 -3.93 -20.80
C ASN A 373 -26.25 -4.52 -22.07
N ASP A 374 -27.23 -3.82 -22.67
CA ASP A 374 -28.14 -4.43 -23.70
C ASP A 374 -27.50 -5.48 -24.64
N PRO A 375 -28.21 -6.60 -24.90
CA PRO A 375 -27.65 -7.76 -25.62
C PRO A 375 -27.42 -7.44 -27.09
N LYS A 376 -28.39 -6.77 -27.71
CA LYS A 376 -28.07 -5.89 -28.82
C LYS A 376 -27.43 -4.67 -28.15
N LYS A 377 -26.09 -4.52 -28.18
CA LYS A 377 -25.17 -5.25 -29.07
C LYS A 377 -23.98 -5.78 -28.25
N ASP A 378 -22.95 -6.27 -28.94
CA ASP A 378 -21.73 -6.74 -28.26
C ASP A 378 -20.74 -5.61 -28.08
N VAL A 379 -21.03 -4.75 -27.13
CA VAL A 379 -20.27 -3.53 -26.94
C VAL A 379 -18.88 -3.79 -26.37
N LEU A 380 -17.86 -3.24 -27.02
CA LEU A 380 -16.52 -3.19 -26.44
C LEU A 380 -16.38 -1.82 -25.80
N VAL A 381 -15.56 -1.75 -24.75
CA VAL A 381 -15.36 -0.50 -23.99
C VAL A 381 -13.90 -0.25 -23.66
N LEU A 382 -13.42 0.93 -24.04
CA LEU A 382 -12.08 1.39 -23.67
C LEU A 382 -12.20 2.31 -22.46
N TYR A 383 -11.87 1.77 -21.29
CA TYR A 383 -11.84 2.56 -20.08
C TYR A 383 -10.49 3.24 -20.01
N TYR A 384 -10.48 4.56 -20.06
CA TYR A 384 -9.22 5.28 -20.29
C TYR A 384 -9.13 6.62 -19.59
N ALA A 385 -7.92 7.18 -19.62
CA ALA A 385 -7.64 8.54 -19.14
C ALA A 385 -6.79 9.27 -20.16
N PRO A 386 -6.99 10.60 -20.28
CA PRO A 386 -6.51 11.29 -21.47
C PRO A 386 -4.99 11.52 -21.54
N TRP A 387 -4.24 11.01 -20.56
CA TRP A 387 -2.81 11.34 -20.44
C TRP A 387 -1.83 10.20 -20.75
N CYS A 388 -2.17 8.96 -20.39
CA CYS A 388 -1.16 7.89 -20.46
C CYS A 388 -0.70 7.66 -21.89
N GLY A 389 0.53 7.19 -22.05
CA GLY A 389 1.09 6.96 -23.37
C GLY A 389 0.33 5.86 -24.09
N HIS A 390 0.13 4.75 -23.39
CA HIS A 390 -0.38 3.53 -24.02
C HIS A 390 -1.84 3.62 -24.45
N CYS A 391 -2.58 4.57 -23.87
CA CYS A 391 -4.02 4.73 -24.11
C CYS A 391 -4.37 5.74 -25.23
N LYS A 392 -3.33 6.32 -25.82
CA LYS A 392 -3.49 7.23 -26.96
C LYS A 392 -2.88 6.66 -28.25
N ARG A 393 -1.86 5.82 -28.10
CA ARG A 393 -1.34 5.03 -29.23
C ARG A 393 -2.32 3.89 -29.55
N LEU A 394 -3.61 4.18 -29.41
CA LEU A 394 -4.64 3.15 -29.37
C LEU A 394 -5.88 3.60 -30.13
N ALA A 395 -6.38 4.78 -29.78
CA ALA A 395 -7.50 5.42 -30.49
C ALA A 395 -7.38 5.42 -32.05
N PRO A 396 -6.14 5.53 -32.60
CA PRO A 396 -5.97 5.35 -34.05
C PRO A 396 -6.43 3.99 -34.55
N THR A 397 -5.98 2.93 -33.89
CA THR A 397 -6.46 1.58 -34.18
C THR A 397 -7.96 1.52 -33.89
N TYR A 398 -8.31 1.89 -32.65
CA TYR A 398 -9.69 1.88 -32.15
C TYR A 398 -10.68 2.50 -33.15
N GLN A 399 -10.26 3.54 -33.87
CA GLN A 399 -11.10 4.13 -34.90
C GLN A 399 -11.19 3.18 -36.09
N GLU A 400 -10.06 2.92 -36.74
CA GLU A 400 -10.05 1.98 -37.85
C GLU A 400 -10.49 0.58 -37.41
N LEU A 401 -10.65 0.39 -36.10
CA LEU A 401 -11.40 -0.74 -35.57
C LEU A 401 -12.89 -0.43 -35.65
N ALA A 402 -13.31 0.65 -35.01
CA ALA A 402 -14.72 0.98 -34.91
C ALA A 402 -15.34 1.19 -36.27
N ASP A 403 -14.64 1.90 -37.15
CA ASP A 403 -15.12 2.18 -38.50
C ASP A 403 -15.49 0.89 -39.24
N THR A 404 -14.65 -0.13 -39.09
CA THR A 404 -14.87 -1.43 -39.73
C THR A 404 -16.20 -2.07 -39.32
N TYR A 405 -16.63 -1.83 -38.08
CA TYR A 405 -17.88 -2.40 -37.57
C TYR A 405 -19.07 -1.47 -37.80
N ALA A 406 -18.81 -0.16 -37.84
CA ALA A 406 -19.86 0.81 -38.13
C ALA A 406 -20.54 0.42 -39.43
N ASN A 407 -19.79 0.52 -40.52
CA ASN A 407 -20.32 0.28 -41.88
C ASN A 407 -21.08 -1.03 -41.95
N ALA A 408 -20.43 -2.11 -41.54
CA ALA A 408 -21.04 -3.42 -41.51
C ALA A 408 -22.13 -3.47 -40.44
N THR A 409 -23.11 -4.34 -40.67
CA THR A 409 -24.26 -4.47 -39.78
C THR A 409 -23.89 -3.86 -38.44
N SER A 410 -24.36 -2.63 -38.21
CA SER A 410 -23.98 -1.85 -37.03
C SER A 410 -23.63 -2.76 -35.85
N ASP A 411 -24.66 -3.33 -35.19
CA ASP A 411 -24.51 -4.21 -34.01
C ASP A 411 -23.39 -3.80 -33.03
N VAL A 412 -22.32 -4.61 -32.93
CA VAL A 412 -21.25 -4.42 -31.93
C VAL A 412 -20.74 -2.98 -31.77
N LEU A 413 -21.13 -2.34 -30.66
CA LEU A 413 -20.70 -0.98 -30.38
C LEU A 413 -19.28 -1.00 -29.88
N ILE A 414 -18.51 -0.03 -30.34
CA ILE A 414 -17.14 0.13 -29.93
C ILE A 414 -16.97 1.53 -29.38
N ALA A 415 -16.69 1.61 -28.10
CA ALA A 415 -16.84 2.85 -27.34
C ALA A 415 -15.66 3.07 -26.41
N LYS A 416 -15.51 4.32 -25.95
CA LYS A 416 -14.49 4.68 -24.98
C LYS A 416 -15.13 5.47 -23.87
N LEU A 417 -14.56 5.36 -22.66
CA LEU A 417 -15.06 6.07 -21.49
C LEU A 417 -13.91 6.65 -20.67
N ASP A 418 -13.92 7.97 -20.53
CA ASP A 418 -12.87 8.70 -19.86
C ASP A 418 -13.03 8.64 -18.33
N HIS A 419 -12.09 8.00 -17.66
CA HIS A 419 -12.19 7.81 -16.20
C HIS A 419 -11.75 9.04 -15.43
N THR A 420 -11.09 9.97 -16.11
CA THR A 420 -10.96 11.30 -15.58
C THR A 420 -12.33 11.95 -15.86
N GLU A 421 -12.87 12.67 -14.88
CA GLU A 421 -14.24 13.20 -14.95
C GLU A 421 -15.24 12.11 -15.38
N ASN A 422 -15.13 10.93 -14.78
CA ASN A 422 -16.13 9.84 -14.91
C ASN A 422 -15.85 8.57 -14.07
N ASP A 423 -16.51 8.48 -12.91
CA ASP A 423 -16.51 7.25 -12.11
C ASP A 423 -17.35 6.19 -12.81
N VAL A 424 -16.97 4.93 -12.65
CA VAL A 424 -17.80 3.83 -13.11
C VAL A 424 -18.03 2.88 -11.96
N ARG A 425 -19.28 2.49 -11.80
CA ARG A 425 -19.63 1.61 -10.71
C ARG A 425 -19.10 0.21 -10.98
N GLY A 426 -19.15 -0.21 -12.25
CA GLY A 426 -18.74 -1.55 -12.64
C GLY A 426 -17.25 -1.87 -12.53
N VAL A 427 -16.84 -2.87 -13.32
CA VAL A 427 -15.49 -3.43 -13.23
C VAL A 427 -14.45 -2.43 -13.68
N VAL A 428 -13.30 -2.48 -13.02
CA VAL A 428 -12.15 -1.67 -13.43
C VAL A 428 -10.84 -2.23 -12.87
N ILE A 429 -9.77 -2.02 -13.64
CA ILE A 429 -8.39 -2.16 -13.15
C ILE A 429 -7.93 -0.77 -12.68
N GLU A 430 -7.02 -0.74 -11.70
CA GLU A 430 -6.47 0.51 -11.22
C GLU A 430 -6.03 1.39 -12.38
N GLY A 431 -5.36 0.77 -13.35
CA GLY A 431 -4.72 1.49 -14.46
C GLY A 431 -5.28 1.34 -15.85
N TYR A 432 -5.06 2.36 -16.67
CA TYR A 432 -5.58 2.45 -18.03
C TYR A 432 -4.45 2.19 -19.01
N PRO A 433 -4.78 1.79 -20.26
CA PRO A 433 -6.12 1.60 -20.80
C PRO A 433 -6.67 0.22 -20.50
N THR A 434 -7.69 0.17 -19.66
CA THR A 434 -8.42 -1.06 -19.41
C THR A 434 -9.41 -1.22 -20.54
N ILE A 435 -9.56 -2.45 -21.01
CA ILE A 435 -10.45 -2.72 -22.11
C ILE A 435 -11.36 -3.86 -21.74
N VAL A 436 -12.64 -3.73 -22.06
CA VAL A 436 -13.64 -4.73 -21.68
C VAL A 436 -14.73 -4.86 -22.74
N LEU A 437 -15.16 -6.10 -22.96
CA LEU A 437 -16.29 -6.41 -23.82
C LEU A 437 -17.45 -6.81 -22.93
N TYR A 438 -18.66 -6.36 -23.28
CA TYR A 438 -19.86 -6.60 -22.48
C TYR A 438 -21.00 -7.16 -23.33
N PRO A 439 -21.16 -8.50 -23.37
CA PRO A 439 -22.32 -9.08 -24.06
C PRO A 439 -23.69 -8.58 -23.53
N GLY A 440 -24.11 -9.00 -22.32
CA GLY A 440 -25.35 -8.48 -21.70
C GLY A 440 -26.11 -9.32 -20.67
N GLY A 441 -27.43 -9.39 -20.83
CA GLY A 441 -28.32 -10.04 -19.87
C GLY A 441 -28.63 -11.49 -20.19
N LYS A 442 -28.06 -12.00 -21.28
CA LYS A 442 -28.11 -13.43 -21.61
C LYS A 442 -26.82 -14.11 -21.12
N LYS A 443 -25.74 -13.34 -20.96
CA LYS A 443 -24.49 -13.85 -20.36
C LYS A 443 -23.60 -12.73 -19.83
N SER A 444 -22.74 -13.06 -18.86
CA SER A 444 -22.02 -12.04 -18.08
C SER A 444 -20.98 -11.25 -18.88
N GLU A 445 -20.56 -10.17 -18.25
CA GLU A 445 -19.94 -9.03 -18.88
C GLU A 445 -18.58 -8.70 -18.25
N SER A 446 -18.08 -9.63 -17.44
CA SER A 446 -16.78 -9.50 -16.81
C SER A 446 -15.79 -10.26 -17.70
N VAL A 447 -15.67 -9.80 -18.94
CA VAL A 447 -14.89 -10.46 -19.98
C VAL A 447 -13.73 -9.56 -20.39
N VAL A 448 -12.74 -9.45 -19.51
CA VAL A 448 -11.72 -8.41 -19.62
C VAL A 448 -10.73 -8.73 -20.74
N TYR A 449 -10.49 -7.72 -21.57
CA TYR A 449 -9.48 -7.84 -22.61
C TYR A 449 -8.09 -7.85 -21.99
N GLN A 450 -7.30 -8.85 -22.37
CA GLN A 450 -5.89 -8.89 -22.04
C GLN A 450 -5.11 -9.33 -23.29
N GLY A 451 -4.21 -8.48 -23.77
CA GLY A 451 -3.39 -8.80 -24.92
C GLY A 451 -2.67 -7.63 -25.53
N SER A 452 -2.46 -7.70 -26.84
CA SER A 452 -1.75 -6.66 -27.60
C SER A 452 -2.70 -5.50 -27.92
N ARG A 453 -2.30 -4.63 -28.84
CA ARG A 453 -3.14 -3.50 -29.30
C ARG A 453 -3.63 -3.72 -30.73
N SER A 454 -2.98 -4.63 -31.46
CA SER A 454 -3.27 -4.85 -32.87
C SER A 454 -4.77 -4.96 -33.13
N LEU A 455 -5.24 -4.15 -34.07
CA LEU A 455 -6.53 -4.36 -34.71
C LEU A 455 -6.83 -5.87 -34.76
N ASP A 456 -5.83 -6.62 -35.21
CA ASP A 456 -5.85 -8.08 -35.27
C ASP A 456 -6.34 -8.72 -33.98
N SER A 457 -5.70 -8.37 -32.87
CA SER A 457 -5.96 -9.02 -31.58
C SER A 457 -7.37 -8.77 -31.05
N LEU A 458 -7.94 -7.61 -31.33
CA LEU A 458 -9.31 -7.29 -30.90
C LEU A 458 -10.33 -7.96 -31.80
N PHE A 459 -10.02 -7.96 -33.08
CA PHE A 459 -10.88 -8.60 -34.07
C PHE A 459 -11.06 -10.08 -33.76
N ASP A 460 -9.98 -10.70 -33.29
CA ASP A 460 -10.03 -12.00 -32.64
C ASP A 460 -11.07 -11.91 -31.52
N PHE A 461 -10.69 -11.20 -30.45
CA PHE A 461 -11.46 -11.08 -29.22
C PHE A 461 -12.96 -10.89 -29.44
N ILE A 462 -13.28 -9.92 -30.29
CA ILE A 462 -14.65 -9.47 -30.48
C ILE A 462 -15.52 -10.49 -31.23
N LYS A 463 -14.87 -11.42 -31.93
CA LYS A 463 -15.55 -12.59 -32.45
C LYS A 463 -15.31 -13.76 -31.50
N GLU A 464 -14.03 -14.04 -31.26
CA GLU A 464 -13.61 -15.16 -30.42
C GLU A 464 -14.46 -15.22 -29.16
N ASN A 465 -14.37 -14.16 -28.35
CA ASN A 465 -15.14 -14.04 -27.13
C ASN A 465 -16.37 -13.16 -27.36
N GLY A 466 -17.00 -13.35 -28.51
CA GLY A 466 -18.11 -12.51 -28.95
C GLY A 466 -19.42 -13.26 -29.04
N HIS A 467 -20.48 -12.62 -28.56
CA HIS A 467 -21.81 -13.22 -28.53
C HIS A 467 -22.30 -13.52 -29.94
N PHE A 468 -22.18 -12.54 -30.83
CA PHE A 468 -22.70 -12.67 -32.20
C PHE A 468 -21.79 -13.47 -33.13
N ASP A 469 -20.52 -13.63 -32.76
CA ASP A 469 -19.56 -14.35 -33.59
C ASP A 469 -19.39 -13.53 -34.87
N VAL A 470 -18.73 -12.38 -34.71
CA VAL A 470 -18.67 -11.31 -35.74
C VAL A 470 -17.27 -11.06 -36.36
N ASP A 471 -17.00 -11.76 -37.47
CA ASP A 471 -15.70 -11.73 -38.15
C ASP A 471 -15.39 -10.36 -38.76
N GLY A 472 -14.84 -9.47 -37.92
CA GLY A 472 -14.43 -8.14 -38.36
C GLY A 472 -13.24 -8.15 -39.29
N LYS A 473 -12.37 -9.14 -39.13
CA LYS A 473 -11.19 -9.26 -39.99
C LYS A 473 -11.66 -9.45 -41.42
N ALA A 474 -12.53 -10.44 -41.64
CA ALA A 474 -13.15 -10.69 -42.95
C ALA A 474 -13.68 -9.41 -43.59
N LEU A 475 -14.26 -8.52 -42.78
CA LEU A 475 -14.68 -7.22 -43.26
C LEU A 475 -13.44 -6.47 -43.72
N TYR A 476 -12.46 -6.34 -42.82
CA TYR A 476 -11.22 -5.62 -43.11
C TYR A 476 -10.45 -6.25 -44.28
N GLU A 477 -10.74 -7.50 -44.59
CA GLU A 477 -10.37 -8.03 -45.89
C GLU A 477 -11.26 -7.35 -46.91
N GLU A 478 -12.55 -7.70 -46.87
CA GLU A 478 -13.54 -7.28 -47.89
C GLU A 478 -13.51 -5.79 -48.17
N ALA A 479 -13.30 -5.00 -47.12
CA ALA A 479 -13.36 -3.55 -47.18
C ALA A 479 -12.23 -2.94 -48.00
N GLN A 480 -11.00 -3.36 -47.72
CA GLN A 480 -9.82 -2.74 -48.33
C GLN A 480 -9.74 -3.09 -49.83
N GLU A 481 -10.33 -4.22 -50.20
CA GLU A 481 -10.49 -4.60 -51.60
C GLU A 481 -11.43 -3.63 -52.32
N LYS A 482 -12.57 -3.32 -51.70
CA LYS A 482 -13.56 -2.42 -52.29
C LYS A 482 -13.05 -0.98 -52.46
N ALA A 483 -12.09 -0.58 -51.62
CA ALA A 483 -11.48 0.75 -51.73
C ALA A 483 -10.20 0.73 -52.55
N ALA A 484 -9.83 -0.44 -53.05
CA ALA A 484 -8.74 -0.59 -54.02
C ALA A 484 -9.23 -0.32 -55.46
N GLU A 485 -10.50 -0.62 -55.69
CA GLU A 485 -11.11 -0.45 -57.01
C GLU A 485 -11.77 0.93 -57.16
N GLU A 486 -12.67 1.25 -56.23
CA GLU A 486 -13.60 2.39 -56.33
C GLU A 486 -13.02 3.62 -57.05
N ALA A 487 -11.81 4.00 -56.67
CA ALA A 487 -11.12 5.14 -57.25
C ALA A 487 -10.66 4.87 -58.70
N ASP A 488 -9.65 4.02 -58.88
CA ASP A 488 -8.99 3.89 -60.18
C ASP A 488 -9.99 3.63 -61.30
N ALA A 489 -9.99 4.53 -62.28
CA ALA A 489 -10.93 4.47 -63.39
C ALA A 489 -10.37 3.80 -64.66
N ASP A 490 -9.12 3.33 -64.59
CA ASP A 490 -8.47 2.62 -65.71
C ASP A 490 -8.45 3.42 -67.02
N ALA A 491 -9.63 3.69 -67.58
CA ALA A 491 -9.75 4.38 -68.87
C ALA A 491 -9.20 5.81 -68.91
N GLU A 492 -8.85 6.38 -67.75
CA GLU A 492 -8.28 7.74 -67.68
C GLU A 492 -7.21 7.90 -68.77
N LEU A 493 -6.23 7.02 -68.74
CA LEU A 493 -5.18 6.96 -69.76
C LEU A 493 -4.39 5.65 -69.65
N ALA A 494 -3.84 5.19 -70.77
CA ALA A 494 -3.02 3.98 -70.83
C ALA A 494 -2.18 3.94 -72.13
N ASP A 495 -0.86 3.75 -72.06
CA ASP A 495 -0.09 3.59 -70.81
C ASP A 495 -0.03 4.90 -70.03
#